data_5CL2
#
_entry.id   5CL2
#
_cell.length_a   65.995
_cell.length_b   74.228
_cell.length_c   133.075
_cell.angle_alpha   90.00
_cell.angle_beta   90.00
_cell.angle_gamma   90.00
#
_symmetry.space_group_name_H-M   'P 21 21 21'
#
loop_
_entity.id
_entity.type
_entity.pdbx_description
1 polymer 'Sporulation-control protein spo0M'
2 non-polymer 'SODIUM ION'
3 water water
#
_entity_poly.entity_id   1
_entity_poly.type   'polypeptide(L)'
_entity_poly.pdbx_seq_one_letter_code
;GSHMAGIGAAKVDTILEKDAYFPGEEVQGTVHVKGGKIAQDIRYIDLQLSTRYVIVKDDEEHRKYATIHSFRVTGSFTIQ
PGEEHQFPFTFTLPLDTPITVGKVEVAVVTDLDIQGGIDKSDHDRIFVEAHPWIENVLEAIENLGFRLNEADCEQAPYFQ
RRLPFVQEFEFVPTSGYYRQMLDELELIFLLDEDGLEIIFEVDRRARGLRGWLEEMYNDGEQLVRVRFSQSELEDTEELE
EVLEEILDQYAE
;
_entity_poly.pdbx_strand_id   A,B
#
loop_
_chem_comp.id
_chem_comp.type
_chem_comp.name
_chem_comp.formula
NA non-polymer 'SODIUM ION' 'Na 1'
#
# COMPACT_ATOMS: atom_id res chain seq x y z
N ILE A 7 -9.48 40.58 14.05
CA ILE A 7 -8.38 39.75 14.50
C ILE A 7 -7.05 40.31 13.95
N GLY A 8 -6.09 40.54 14.84
CA GLY A 8 -4.73 40.93 14.48
C GLY A 8 -3.74 39.77 14.64
N ALA A 9 -4.25 38.54 14.60
CA ALA A 9 -3.49 37.29 14.84
C ALA A 9 -2.63 36.75 13.67
N ALA A 10 -1.75 35.80 13.98
CA ALA A 10 -0.87 35.23 12.95
C ALA A 10 -1.68 34.54 11.86
N LYS A 11 -1.25 34.72 10.61
CA LYS A 11 -2.03 34.31 9.46
C LYS A 11 -1.23 33.40 8.50
N VAL A 12 -1.90 32.39 7.93
CA VAL A 12 -1.23 31.55 6.97
C VAL A 12 -2.08 31.45 5.69
N ASP A 13 -1.42 31.53 4.53
CA ASP A 13 -2.09 31.48 3.25
C ASP A 13 -1.25 30.64 2.28
N THR A 14 -1.78 29.51 1.80
CA THR A 14 -1.02 28.67 0.86
C THR A 14 -1.52 28.93 -0.55
N ILE A 15 -0.61 29.08 -1.50
CA ILE A 15 -0.98 29.34 -2.87
C ILE A 15 -0.25 28.39 -3.78
N LEU A 16 -1.01 27.52 -4.45
CA LEU A 16 -0.47 26.59 -5.44
C LEU A 16 -0.33 27.28 -6.78
N GLU A 17 0.56 26.82 -7.65
CA GLU A 17 0.68 27.47 -8.94
C GLU A 17 -0.46 27.08 -9.87
N LYS A 18 -0.97 25.85 -9.71
CA LYS A 18 -2.16 25.39 -10.45
C LYS A 18 -3.21 24.86 -9.49
N ASP A 19 -4.47 24.86 -9.93
CA ASP A 19 -5.55 24.19 -9.21
C ASP A 19 -5.78 22.73 -9.70
N ALA A 20 -5.19 22.37 -10.85
CA ALA A 20 -5.47 21.04 -11.45
C ALA A 20 -4.20 20.26 -11.78
N TYR A 21 -4.20 18.99 -11.38
CA TYR A 21 -3.07 18.10 -11.59
C TYR A 21 -3.56 16.68 -11.92
N PHE A 22 -2.73 15.86 -12.53
CA PHE A 22 -3.07 14.45 -12.53
C PHE A 22 -1.97 13.69 -11.81
N PRO A 23 -2.26 12.46 -11.34
CA PRO A 23 -1.27 11.70 -10.57
C PRO A 23 0.10 11.60 -11.21
N GLY A 24 1.13 11.77 -10.40
CA GLY A 24 2.50 11.68 -10.87
C GLY A 24 3.08 13.05 -11.16
N GLU A 25 2.21 14.03 -11.36
CA GLU A 25 2.65 15.39 -11.64
C GLU A 25 3.12 16.04 -10.34
N GLU A 26 4.07 16.97 -10.48
CA GLU A 26 4.60 17.71 -9.33
C GLU A 26 3.73 18.92 -9.00
N VAL A 27 3.28 18.99 -7.75
CA VAL A 27 2.60 20.17 -7.24
C VAL A 27 3.62 21.16 -6.67
N GLN A 28 3.55 22.41 -7.13
CA GLN A 28 4.42 23.45 -6.59
C GLN A 28 3.63 24.60 -6.00
N GLY A 29 4.19 25.22 -4.98
CA GLY A 29 3.49 26.38 -4.42
C GLY A 29 4.30 27.07 -3.37
N THR A 30 3.63 27.96 -2.65
CA THR A 30 4.28 28.70 -1.59
C THR A 30 3.36 28.79 -0.41
N VAL A 31 3.89 28.55 0.78
CA VAL A 31 3.17 28.88 2.01
C VAL A 31 3.57 30.31 2.47
N HIS A 32 2.61 31.24 2.52
CA HIS A 32 2.85 32.59 3.06
C HIS A 32 2.40 32.70 4.50
N VAL A 33 3.29 33.21 5.35
CA VAL A 33 2.96 33.36 6.76
C VAL A 33 3.14 34.84 7.15
N LYS A 34 2.21 35.38 7.93
CA LYS A 34 2.29 36.77 8.39
C LYS A 34 2.13 36.81 9.90
N GLY A 35 3.07 37.43 10.61
CA GLY A 35 3.00 37.39 12.06
C GLY A 35 1.82 38.21 12.53
N GLY A 36 1.33 37.91 13.73
CA GLY A 36 0.23 38.67 14.25
C GLY A 36 0.79 39.84 15.05
N LYS A 37 -0.03 40.38 15.95
CA LYS A 37 0.36 41.51 16.77
C LYS A 37 1.53 41.18 17.72
N ILE A 38 1.58 39.94 18.18
CA ILE A 38 2.61 39.53 19.14
C ILE A 38 3.46 38.41 18.59
N ALA A 39 4.74 38.38 18.99
CA ALA A 39 5.68 37.49 18.34
C ALA A 39 5.34 36.06 18.72
N GLN A 40 5.43 35.13 17.78
CA GLN A 40 5.14 33.76 18.15
C GLN A 40 6.17 32.77 17.68
N ASP A 41 6.23 31.64 18.40
CA ASP A 41 7.13 30.55 18.10
C ASP A 41 6.37 29.50 17.33
N ILE A 42 6.76 29.31 16.08
CA ILE A 42 6.17 28.33 15.20
C ILE A 42 6.96 27.02 15.19
N ARG A 43 6.32 25.91 15.54
CA ARG A 43 7.02 24.61 15.64
C ARG A 43 7.30 24.01 14.26
N TYR A 44 6.36 24.14 13.33
CA TYR A 44 6.57 23.59 12.00
C TYR A 44 5.43 23.99 11.09
N ILE A 45 5.63 23.85 9.79
CA ILE A 45 4.56 23.94 8.82
C ILE A 45 4.53 22.65 7.99
N ASP A 46 3.41 21.93 8.08
CA ASP A 46 3.15 20.70 7.34
C ASP A 46 2.08 20.95 6.28
N LEU A 47 2.19 20.21 5.19
CA LEU A 47 1.17 20.13 4.15
C LEU A 47 0.61 18.71 4.15
N GLN A 48 -0.69 18.58 3.92
CA GLN A 48 -1.34 17.28 3.82
C GLN A 48 -2.23 17.22 2.62
N LEU A 49 -2.11 16.13 1.86
CA LEU A 49 -3.02 15.84 0.76
C LEU A 49 -4.04 14.86 1.31
N SER A 50 -5.33 15.18 1.19
CA SER A 50 -6.33 14.31 1.78
C SER A 50 -7.59 14.19 0.96
N THR A 51 -8.36 13.16 1.28
CA THR A 51 -9.63 12.98 0.64
C THR A 51 -10.53 12.34 1.68
N ARG A 52 -11.73 11.91 1.25
CA ARG A 52 -12.65 11.19 2.12
C ARG A 52 -13.09 9.90 1.44
N TYR A 53 -13.49 8.91 2.22
CA TYR A 53 -14.00 7.69 1.61
C TYR A 53 -15.18 7.18 2.39
N VAL A 54 -16.00 6.37 1.72
CA VAL A 54 -17.26 5.92 2.31
C VAL A 54 -17.06 4.59 3.01
N ILE A 55 -17.63 4.51 4.20
CA ILE A 55 -17.78 3.28 4.96
C ILE A 55 -19.26 3.06 5.23
N VAL A 56 -19.79 1.93 4.76
CA VAL A 56 -21.20 1.63 4.99
C VAL A 56 -21.36 0.60 6.10
N LYS A 57 -22.14 0.97 7.11
CA LYS A 57 -22.51 0.03 8.18
C LYS A 57 -24.01 0.01 8.37
N ASP A 58 -24.60 -1.18 8.29
CA ASP A 58 -26.04 -1.34 8.47
C ASP A 58 -26.82 -0.42 7.54
N ASP A 59 -26.38 -0.36 6.29
CA ASP A 59 -26.94 0.52 5.26
C ASP A 59 -26.96 2.03 5.61
N GLU A 60 -25.97 2.51 6.37
CA GLU A 60 -25.79 3.96 6.43
C GLU A 60 -24.36 4.29 6.04
N GLU A 61 -24.25 5.38 5.27
CA GLU A 61 -22.99 5.93 4.83
C GLU A 61 -22.36 6.80 5.91
N HIS A 62 -21.11 6.49 6.24
CA HIS A 62 -20.24 7.33 7.07
C HIS A 62 -19.09 7.72 6.16
N ARG A 63 -18.76 9.01 6.05
CA ARG A 63 -17.55 9.40 5.32
C ARG A 63 -16.42 9.75 6.28
N LYS A 64 -15.24 9.20 5.97
CA LYS A 64 -14.07 9.24 6.82
C LYS A 64 -12.92 9.90 6.09
N TYR A 65 -12.24 10.81 6.80
CA TYR A 65 -11.12 11.58 6.30
C TYR A 65 -9.89 10.68 6.16
N ALA A 66 -9.11 10.90 5.12
CA ALA A 66 -7.94 10.04 4.88
C ALA A 66 -6.78 10.83 4.31
N THR A 67 -5.58 10.57 4.83
CA THR A 67 -4.39 11.29 4.39
C THR A 67 -3.69 10.57 3.26
N ILE A 68 -3.61 11.20 2.10
CA ILE A 68 -2.95 10.63 0.93
C ILE A 68 -1.44 10.80 0.96
N HIS A 69 -1.02 11.98 1.41
CA HIS A 69 0.40 12.30 1.48
C HIS A 69 0.62 13.35 2.54
N SER A 70 1.78 13.32 3.18
CA SER A 70 2.07 14.29 4.21
C SER A 70 3.57 14.55 4.19
N PHE A 71 3.98 15.81 4.38
CA PHE A 71 5.40 16.16 4.52
C PHE A 71 5.58 17.52 5.21
N ARG A 72 6.79 17.77 5.72
CA ARG A 72 7.06 19.02 6.47
C ARG A 72 7.60 20.13 5.58
N VAL A 73 6.88 21.24 5.49
CA VAL A 73 7.35 22.36 4.68
C VAL A 73 8.52 23.04 5.40
N THR A 74 8.37 23.28 6.69
CA THR A 74 9.49 23.88 7.38
C THR A 74 9.45 23.54 8.84
N GLY A 75 10.58 23.68 9.52
CA GLY A 75 10.70 23.43 10.93
C GLY A 75 10.53 24.73 11.69
N SER A 76 10.85 24.67 12.98
CA SER A 76 10.65 25.74 13.93
C SER A 76 11.35 27.08 13.59
N PHE A 77 10.63 28.18 13.83
CA PHE A 77 11.18 29.54 13.74
C PHE A 77 10.31 30.50 14.52
N THR A 78 10.84 31.65 14.89
CA THR A 78 10.03 32.67 15.56
C THR A 78 9.65 33.75 14.55
N ILE A 79 8.37 34.12 14.56
CA ILE A 79 7.89 35.12 13.64
C ILE A 79 7.58 36.37 14.46
N GLN A 80 8.08 37.52 14.00
CA GLN A 80 7.87 38.77 14.74
C GLN A 80 6.58 39.41 14.25
N PRO A 81 6.06 40.37 15.04
CA PRO A 81 4.75 40.93 14.72
C PRO A 81 4.67 41.51 13.31
N GLY A 82 3.64 41.10 12.57
CA GLY A 82 3.35 41.58 11.23
C GLY A 82 4.33 41.09 10.17
N GLU A 83 5.32 40.30 10.60
CA GLU A 83 6.39 39.83 9.72
C GLU A 83 5.93 38.76 8.70
N GLU A 84 6.47 38.85 7.49
CA GLU A 84 6.07 38.00 6.38
C GLU A 84 7.20 37.06 5.99
N HIS A 85 6.85 35.79 5.84
CA HIS A 85 7.77 34.72 5.48
C HIS A 85 7.16 33.96 4.30
N GLN A 86 8.01 33.52 3.36
CA GLN A 86 7.53 32.73 2.22
C GLN A 86 8.26 31.40 2.21
N PHE A 87 7.53 30.30 2.29
CA PHE A 87 8.16 29.00 2.16
C PHE A 87 7.68 28.31 0.90
N PRO A 88 8.52 28.31 -0.15
CA PRO A 88 8.17 27.57 -1.37
C PRO A 88 8.35 26.07 -1.21
N PHE A 89 7.51 25.29 -1.89
CA PHE A 89 7.55 23.83 -1.75
C PHE A 89 7.21 23.11 -3.05
N THR A 90 7.59 21.84 -3.09
CA THR A 90 7.21 20.95 -4.18
C THR A 90 7.01 19.51 -3.66
N PHE A 91 6.01 18.82 -4.20
CA PHE A 91 5.84 17.40 -3.88
C PHE A 91 5.16 16.71 -5.05
N THR A 92 5.31 15.39 -5.10
CA THR A 92 4.72 14.66 -6.19
C THR A 92 3.40 14.08 -5.74
N LEU A 93 2.38 14.27 -6.57
CA LEU A 93 1.07 13.65 -6.36
C LEU A 93 1.22 12.14 -6.50
N PRO A 94 0.96 11.40 -5.41
CA PRO A 94 1.06 9.92 -5.44
C PRO A 94 0.19 9.34 -6.55
N LEU A 95 0.57 8.19 -7.10
CA LEU A 95 -0.18 7.59 -8.20
C LEU A 95 -1.55 7.03 -7.78
N ASP A 96 -1.76 6.83 -6.47
CA ASP A 96 -3.06 6.34 -6.00
C ASP A 96 -3.98 7.50 -5.58
N THR A 97 -3.59 8.76 -5.84
CA THR A 97 -4.49 9.90 -5.64
C THR A 97 -5.75 9.73 -6.48
N PRO A 98 -6.94 9.84 -5.85
CA PRO A 98 -8.18 9.62 -6.59
C PRO A 98 -8.44 10.76 -7.57
N ILE A 99 -9.21 10.46 -8.61
CA ILE A 99 -9.61 11.43 -9.63
C ILE A 99 -10.76 12.26 -9.07
N THR A 100 -10.76 13.57 -9.32
CA THR A 100 -11.82 14.39 -8.76
C THR A 100 -12.95 14.40 -9.77
N VAL A 101 -13.95 13.58 -9.47
CA VAL A 101 -15.12 13.42 -10.31
C VAL A 101 -16.15 12.81 -9.37
N GLY A 102 -17.43 12.96 -9.70
CA GLY A 102 -18.49 12.51 -8.81
C GLY A 102 -18.46 13.22 -7.47
N LYS A 103 -18.41 12.42 -6.40
CA LYS A 103 -18.45 12.96 -5.05
C LYS A 103 -17.05 13.18 -4.42
N VAL A 104 -16.00 12.78 -5.14
CA VAL A 104 -14.65 12.80 -4.60
C VAL A 104 -14.03 14.19 -4.49
N GLU A 105 -13.58 14.56 -3.29
CA GLU A 105 -12.79 15.78 -3.16
C GLU A 105 -11.36 15.48 -2.68
N VAL A 106 -10.41 16.18 -3.28
CA VAL A 106 -9.01 16.13 -2.87
C VAL A 106 -8.58 17.52 -2.44
N ALA A 107 -8.06 17.63 -1.22
CA ALA A 107 -7.66 18.91 -0.69
C ALA A 107 -6.22 18.90 -0.23
N VAL A 108 -5.53 20.02 -0.43
CA VAL A 108 -4.24 20.33 0.19
C VAL A 108 -4.48 21.14 1.46
N VAL A 109 -4.08 20.59 2.59
CA VAL A 109 -4.31 21.21 3.88
C VAL A 109 -3.00 21.66 4.48
N THR A 110 -2.94 22.93 4.86
CA THR A 110 -1.78 23.50 5.51
C THR A 110 -2.03 23.51 7.00
N ASP A 111 -1.08 22.93 7.73
CA ASP A 111 -1.08 22.91 9.18
C ASP A 111 0.11 23.72 9.71
N LEU A 112 -0.15 24.89 10.29
CA LEU A 112 0.92 25.68 10.92
C LEU A 112 0.78 25.56 12.43
N ASP A 113 1.71 24.86 13.06
CA ASP A 113 1.60 24.55 14.47
C ASP A 113 2.34 25.63 15.25
N ILE A 114 1.63 26.25 16.19
CA ILE A 114 2.20 27.34 16.98
C ILE A 114 2.30 26.84 18.39
N GLN A 115 3.45 27.06 19.03
CA GLN A 115 3.57 26.58 20.39
C GLN A 115 2.83 27.52 21.34
N GLY A 116 1.78 26.97 21.94
CA GLY A 116 1.01 27.59 23.01
C GLY A 116 0.53 29.03 22.96
N GLY A 117 -0.15 29.54 21.94
CA GLY A 117 -0.46 28.96 20.64
C GLY A 117 -1.86 28.42 20.43
N ILE A 118 -2.41 28.81 19.28
CA ILE A 118 -3.64 28.31 18.71
C ILE A 118 -3.25 28.08 17.26
N ASP A 119 -3.29 26.83 16.82
CA ASP A 119 -2.66 26.48 15.56
C ASP A 119 -3.47 27.10 14.42
N LYS A 120 -2.82 27.33 13.28
CA LYS A 120 -3.49 27.95 12.14
C LYS A 120 -3.56 27.00 10.98
N SER A 121 -4.54 27.17 10.11
CA SER A 121 -4.67 26.23 9.03
C SER A 121 -5.06 26.90 7.74
N ASP A 122 -4.85 26.20 6.63
CA ASP A 122 -5.42 26.62 5.36
C ASP A 122 -5.92 25.40 4.57
N HIS A 123 -6.85 25.61 3.64
CA HIS A 123 -7.45 24.56 2.83
C HIS A 123 -7.52 24.97 1.37
N ASP A 124 -6.88 24.20 0.49
CA ASP A 124 -6.92 24.48 -0.94
C ASP A 124 -7.37 23.22 -1.67
N ARG A 125 -8.56 23.24 -2.23
CA ARG A 125 -8.98 22.14 -3.06
C ARG A 125 -8.14 22.03 -4.31
N ILE A 126 -7.87 20.80 -4.74
CA ILE A 126 -7.33 20.59 -6.07
C ILE A 126 -8.19 19.64 -6.90
N PHE A 127 -8.23 19.90 -8.20
CA PHE A 127 -8.95 19.00 -9.07
C PHE A 127 -7.89 18.03 -9.57
N VAL A 128 -8.17 16.74 -9.41
CA VAL A 128 -7.26 15.69 -9.87
C VAL A 128 -7.81 15.02 -11.10
N GLU A 129 -7.17 15.24 -12.24
CA GLU A 129 -7.67 14.71 -13.51
C GLU A 129 -7.33 13.27 -13.75
N ALA A 130 -8.15 12.59 -14.56
CA ALA A 130 -7.81 11.25 -14.97
C ALA A 130 -6.51 11.24 -15.75
N HIS A 131 -5.60 10.38 -15.32
CA HIS A 131 -4.38 10.13 -16.05
C HIS A 131 -4.77 9.57 -17.42
N PRO A 132 -4.05 9.95 -18.47
CA PRO A 132 -4.35 9.55 -19.85
C PRO A 132 -4.65 8.06 -20.07
N TRP A 133 -3.90 7.14 -19.47
CA TRP A 133 -4.22 5.72 -19.61
C TRP A 133 -5.62 5.41 -19.08
N ILE A 134 -5.95 6.00 -17.93
CA ILE A 134 -7.26 5.81 -17.33
C ILE A 134 -8.32 6.41 -18.23
N GLU A 135 -8.03 7.59 -18.78
CA GLU A 135 -8.99 8.25 -19.66
C GLU A 135 -9.19 7.44 -20.95
N ASN A 136 -8.15 6.73 -21.38
CA ASN A 136 -8.24 5.81 -22.49
C ASN A 136 -9.19 4.67 -22.13
N VAL A 137 -9.01 4.09 -20.93
CA VAL A 137 -9.89 3.01 -20.51
C VAL A 137 -11.34 3.48 -20.43
N LEU A 138 -11.55 4.69 -19.94
CA LEU A 138 -12.90 5.23 -19.72
C LEU A 138 -13.60 5.45 -21.04
N GLU A 139 -12.88 6.05 -21.98
CA GLU A 139 -13.41 6.26 -23.32
C GLU A 139 -13.71 4.93 -24.00
N ALA A 140 -12.78 3.98 -23.85
CA ALA A 140 -12.96 2.63 -24.40
C ALA A 140 -14.22 1.95 -23.88
N ILE A 141 -14.45 2.02 -22.57
CA ILE A 141 -15.61 1.42 -21.95
C ILE A 141 -16.90 2.10 -22.44
N GLU A 142 -16.91 3.43 -22.51
CA GLU A 142 -18.14 4.07 -22.96
C GLU A 142 -18.42 3.76 -24.44
N ASN A 143 -17.37 3.62 -25.25
CA ASN A 143 -17.56 3.29 -26.66
C ASN A 143 -18.24 1.95 -26.85
N LEU A 144 -18.00 1.02 -25.94
CA LEU A 144 -18.61 -0.30 -26.00
C LEU A 144 -20.10 -0.22 -25.71
N GLY A 145 -20.62 0.95 -25.34
CA GLY A 145 -21.98 1.01 -24.82
C GLY A 145 -22.19 1.15 -23.33
N PHE A 146 -21.28 1.83 -22.64
CA PHE A 146 -21.52 2.20 -21.23
C PHE A 146 -21.51 3.70 -21.03
N ARG A 147 -22.06 4.16 -19.91
CA ARG A 147 -21.95 5.57 -19.57
C ARG A 147 -21.51 5.68 -18.10
N LEU A 148 -20.52 6.52 -17.81
CA LEU A 148 -20.03 6.64 -16.43
C LEU A 148 -21.12 7.23 -15.55
N ASN A 149 -21.47 6.50 -14.50
CA ASN A 149 -22.58 6.90 -13.65
C ASN A 149 -22.13 7.52 -12.35
N GLU A 150 -21.32 6.77 -11.63
CA GLU A 150 -20.84 7.23 -10.34
C GLU A 150 -19.36 6.97 -10.18
N ALA A 151 -18.71 7.72 -9.32
CA ALA A 151 -17.34 7.44 -8.92
C ALA A 151 -17.20 7.87 -7.48
N ASP A 152 -16.62 7.03 -6.65
CA ASP A 152 -16.42 7.45 -5.26
C ASP A 152 -15.30 6.67 -4.63
N CYS A 153 -14.79 7.16 -3.52
CA CYS A 153 -13.76 6.41 -2.79
C CYS A 153 -14.45 5.54 -1.74
N GLU A 154 -14.18 4.24 -1.83
CA GLU A 154 -14.88 3.25 -1.02
C GLU A 154 -13.89 2.53 -0.13
N GLN A 155 -14.32 2.25 1.09
CA GLN A 155 -13.53 1.46 2.02
C GLN A 155 -13.09 0.14 1.34
N ALA A 156 -11.80 -0.19 1.38
CA ALA A 156 -11.35 -1.43 0.72
C ALA A 156 -10.20 -2.20 1.42
N PRO A 157 -10.43 -2.66 2.67
CA PRO A 157 -9.40 -3.46 3.35
C PRO A 157 -9.06 -4.74 2.60
N TYR A 158 -9.99 -5.29 1.83
CA TYR A 158 -9.75 -6.54 1.09
C TYR A 158 -8.52 -6.51 0.18
N PHE A 159 -8.25 -5.37 -0.44
CA PHE A 159 -7.12 -5.25 -1.37
C PHE A 159 -5.80 -4.90 -0.68
N GLN A 160 -5.85 -4.55 0.60
CA GLN A 160 -4.65 -4.28 1.37
C GLN A 160 -3.66 -3.33 0.67
N ARG A 161 -4.17 -2.23 0.12
CA ARG A 161 -3.33 -1.24 -0.56
C ARG A 161 -2.68 -0.27 0.44
N ARG A 162 -1.88 0.65 -0.10
CA ARG A 162 -1.26 1.69 0.71
C ARG A 162 -2.34 2.50 1.42
N LEU A 163 -3.35 2.93 0.67
CA LEU A 163 -4.50 3.65 1.24
C LEU A 163 -5.62 2.67 1.62
N PRO A 164 -6.43 3.03 2.61
CA PRO A 164 -7.56 2.24 3.10
C PRO A 164 -8.74 2.14 2.13
N PHE A 165 -8.72 2.94 1.07
CA PHE A 165 -9.83 3.00 0.12
C PHE A 165 -9.41 2.72 -1.33
N VAL A 166 -10.36 2.45 -2.21
CA VAL A 166 -10.05 2.51 -3.64
C VAL A 166 -11.06 3.40 -4.34
N GLN A 167 -10.70 3.96 -5.49
CA GLN A 167 -11.71 4.70 -6.23
C GLN A 167 -12.49 3.72 -7.12
N GLU A 168 -13.78 3.62 -6.88
CA GLU A 168 -14.66 2.74 -7.63
C GLU A 168 -15.47 3.53 -8.65
N PHE A 169 -15.27 3.18 -9.93
CA PHE A 169 -16.03 3.74 -11.05
C PHE A 169 -17.19 2.84 -11.42
N GLU A 170 -18.41 3.39 -11.42
CA GLU A 170 -19.61 2.63 -11.77
C GLU A 170 -20.22 3.15 -13.06
N PHE A 171 -20.35 2.23 -14.01
CA PHE A 171 -20.90 2.49 -15.33
C PHE A 171 -22.27 1.84 -15.48
N VAL A 172 -23.10 2.45 -16.31
CA VAL A 172 -24.43 1.94 -16.60
C VAL A 172 -24.48 1.52 -18.08
N PRO A 173 -25.11 0.37 -18.38
CA PRO A 173 -25.14 -0.12 -19.77
C PRO A 173 -26.02 0.78 -20.61
N THR A 174 -25.53 1.26 -21.74
CA THR A 174 -26.36 2.06 -22.65
C THR A 174 -26.86 1.34 -23.90
N SER A 175 -26.43 0.10 -24.12
CA SER A 175 -26.85 -0.67 -25.30
C SER A 175 -27.67 -1.88 -24.91
N GLY A 176 -28.51 -2.38 -25.82
CA GLY A 176 -29.31 -3.55 -25.55
C GLY A 176 -28.45 -4.72 -25.12
N TYR A 177 -27.30 -4.89 -25.77
CA TYR A 177 -26.42 -6.02 -25.46
C TYR A 177 -25.97 -5.96 -24.01
N TYR A 178 -25.47 -4.79 -23.62
CA TYR A 178 -24.91 -4.68 -22.29
C TYR A 178 -26.00 -4.59 -21.21
N ARG A 179 -27.16 -4.03 -21.52
CA ARG A 179 -28.33 -4.13 -20.64
C ARG A 179 -28.69 -5.58 -20.37
N GLN A 180 -28.62 -6.41 -21.41
CA GLN A 180 -28.93 -7.81 -21.27
C GLN A 180 -27.86 -8.47 -20.38
N MET A 181 -26.63 -8.00 -20.51
CA MET A 181 -25.53 -8.53 -19.68
C MET A 181 -25.56 -8.19 -18.17
N LEU A 182 -25.87 -6.94 -17.86
CA LEU A 182 -25.72 -6.49 -16.47
C LEU A 182 -26.55 -5.25 -16.15
N ASP A 183 -26.76 -5.00 -14.86
CA ASP A 183 -27.35 -3.73 -14.45
C ASP A 183 -26.28 -2.63 -14.34
N GLU A 184 -25.10 -2.98 -13.83
CA GLU A 184 -24.01 -2.03 -13.98
C GLU A 184 -22.65 -2.70 -13.82
N LEU A 185 -21.64 -2.00 -14.33
CA LEU A 185 -20.25 -2.40 -14.31
C LEU A 185 -19.41 -1.55 -13.33
N GLU A 186 -18.48 -2.17 -12.60
CA GLU A 186 -17.63 -1.46 -11.67
C GLU A 186 -16.18 -1.74 -12.00
N LEU A 187 -15.37 -0.68 -12.11
CA LEU A 187 -13.95 -0.75 -12.37
C LEU A 187 -13.17 -0.07 -11.26
N ILE A 188 -12.06 -0.69 -10.90
CA ILE A 188 -11.07 -0.06 -10.04
C ILE A 188 -9.76 0.03 -10.79
N PHE A 189 -9.19 1.24 -10.86
CA PHE A 189 -7.88 1.42 -11.44
C PHE A 189 -6.79 1.49 -10.37
N LEU A 190 -5.78 0.65 -10.51
CA LEU A 190 -4.59 0.75 -9.69
C LEU A 190 -3.43 1.17 -10.58
N LEU A 191 -3.06 2.43 -10.48
CA LEU A 191 -2.09 3.02 -11.37
C LEU A 191 -0.70 2.93 -10.77
N ASP A 192 0.25 2.45 -11.57
CA ASP A 192 1.65 2.47 -11.19
C ASP A 192 2.46 3.05 -12.35
N GLU A 193 3.78 3.06 -12.20
CA GLU A 193 4.69 3.72 -13.14
C GLU A 193 4.78 3.01 -14.51
N ASP A 194 4.68 1.68 -14.49
CA ASP A 194 4.87 0.91 -15.73
C ASP A 194 3.60 0.47 -16.43
N GLY A 195 2.47 0.81 -15.86
CA GLY A 195 1.20 0.37 -16.40
C GLY A 195 0.07 0.54 -15.42
N LEU A 196 -0.98 -0.23 -15.64
CA LEU A 196 -2.21 -0.04 -14.92
C LEU A 196 -2.92 -1.37 -14.69
N GLU A 197 -3.44 -1.58 -13.48
CA GLU A 197 -4.24 -2.77 -13.20
C GLU A 197 -5.74 -2.43 -13.08
N ILE A 198 -6.59 -3.23 -13.70
CA ILE A 198 -8.04 -3.03 -13.63
C ILE A 198 -8.74 -4.16 -12.92
N ILE A 199 -9.57 -3.81 -11.95
CA ILE A 199 -10.42 -4.78 -11.28
C ILE A 199 -11.84 -4.60 -11.82
N PHE A 200 -12.44 -5.70 -12.25
CA PHE A 200 -13.75 -5.70 -12.87
C PHE A 200 -14.72 -6.38 -11.93
N GLU A 201 -15.92 -5.83 -11.82
CA GLU A 201 -16.96 -6.50 -11.08
C GLU A 201 -18.29 -6.06 -11.72
N VAL A 202 -19.36 -6.85 -11.57
CA VAL A 202 -20.64 -6.46 -12.14
C VAL A 202 -21.72 -6.56 -11.09
N ASP A 203 -22.76 -5.74 -11.26
CA ASP A 203 -24.00 -5.85 -10.47
C ASP A 203 -23.79 -5.69 -8.97
N ARG A 204 -22.78 -4.91 -8.55
CA ARG A 204 -22.58 -4.63 -7.13
C ARG A 204 -23.76 -3.86 -6.54
N ARG A 205 -24.30 -2.88 -7.29
CA ARG A 205 -25.44 -2.14 -6.77
C ARG A 205 -26.66 -3.03 -6.72
N ALA A 206 -26.89 -3.82 -7.76
CA ALA A 206 -28.00 -4.75 -7.78
C ALA A 206 -27.92 -5.67 -6.56
N ARG A 207 -26.70 -6.08 -6.23
CA ARG A 207 -26.50 -7.00 -5.12
C ARG A 207 -26.41 -6.26 -3.78
N GLY A 208 -26.52 -4.94 -3.81
CA GLY A 208 -26.44 -4.13 -2.59
C GLY A 208 -25.11 -4.25 -1.86
N LEU A 209 -24.03 -4.35 -2.62
CA LEU A 209 -22.68 -4.40 -2.07
C LEU A 209 -22.04 -3.01 -2.06
N ARG A 210 -21.44 -2.64 -0.93
CA ARG A 210 -20.66 -1.40 -0.80
C ARG A 210 -19.34 -1.72 -0.14
N GLY A 211 -18.26 -1.14 -0.65
CA GLY A 211 -16.94 -1.40 -0.11
C GLY A 211 -16.43 -2.76 -0.51
N TRP A 212 -15.13 -2.99 -0.29
CA TRP A 212 -14.50 -4.23 -0.72
C TRP A 212 -13.94 -5.00 0.46
N LEU A 213 -14.61 -6.12 0.79
CA LEU A 213 -14.37 -6.83 2.05
C LEU A 213 -14.21 -8.33 1.87
N GLU A 214 -13.48 -8.95 2.78
CA GLU A 214 -13.21 -10.38 2.77
C GLU A 214 -14.48 -11.23 2.61
N GLU A 215 -15.51 -10.90 3.37
CA GLU A 215 -16.76 -11.65 3.36
C GLU A 215 -17.51 -11.63 2.02
N MET A 216 -17.18 -10.70 1.14
CA MET A 216 -17.78 -10.67 -0.19
C MET A 216 -17.16 -11.69 -1.16
N TYR A 217 -15.93 -12.09 -0.91
CA TYR A 217 -15.24 -13.09 -1.71
C TYR A 217 -14.96 -14.47 -1.06
N ASN A 218 -15.44 -14.67 0.17
CA ASN A 218 -15.23 -15.93 0.88
C ASN A 218 -16.12 -17.12 0.42
N ASP A 219 -17.26 -16.82 -0.19
CA ASP A 219 -18.24 -17.84 -0.56
C ASP A 219 -17.96 -18.37 -1.97
N GLY A 220 -16.82 -17.98 -2.53
CA GLY A 220 -16.45 -18.45 -3.85
C GLY A 220 -16.89 -17.51 -4.95
N GLU A 221 -17.33 -16.30 -4.58
CA GLU A 221 -17.46 -15.24 -5.56
C GLU A 221 -16.07 -15.07 -6.13
N GLN A 222 -15.98 -14.73 -7.41
CA GLN A 222 -14.68 -14.44 -7.95
C GLN A 222 -14.67 -13.12 -8.68
N LEU A 223 -13.46 -12.66 -8.92
CA LEU A 223 -13.19 -11.28 -9.24
C LEU A 223 -12.25 -11.26 -10.44
N VAL A 224 -12.53 -10.41 -11.43
CA VAL A 224 -11.64 -10.31 -12.57
C VAL A 224 -10.56 -9.26 -12.36
N ARG A 225 -9.30 -9.67 -12.41
CA ARG A 225 -8.21 -8.76 -12.15
C ARG A 225 -7.16 -8.83 -13.24
N VAL A 226 -6.99 -7.76 -14.00
CA VAL A 226 -6.12 -7.80 -15.19
C VAL A 226 -5.12 -6.66 -15.28
N ARG A 227 -3.84 -6.99 -15.50
CA ARG A 227 -2.84 -5.94 -15.71
C ARG A 227 -2.63 -5.61 -17.18
N PHE A 228 -2.65 -4.31 -17.49
CA PHE A 228 -2.28 -3.76 -18.78
C PHE A 228 -0.96 -3.00 -18.68
N SER A 229 -0.15 -3.05 -19.72
CA SER A 229 1.08 -2.28 -19.72
C SER A 229 0.86 -0.96 -20.40
N GLN A 230 1.88 -0.12 -20.40
CA GLN A 230 1.82 1.18 -21.05
C GLN A 230 1.48 1.09 -22.56
N SER A 231 2.13 0.15 -23.26
CA SER A 231 1.92 0.03 -24.71
C SER A 231 0.46 -0.29 -25.02
N GLU A 232 -0.09 -1.26 -24.29
CA GLU A 232 -1.47 -1.64 -24.48
C GLU A 232 -2.41 -0.46 -24.20
N LEU A 233 -2.13 0.28 -23.13
CA LEU A 233 -3.00 1.38 -22.72
C LEU A 233 -2.97 2.51 -23.73
N GLU A 234 -1.84 2.68 -24.41
CA GLU A 234 -1.73 3.79 -25.35
C GLU A 234 -2.16 3.44 -26.79
N ASP A 235 -2.51 2.19 -27.06
CA ASP A 235 -3.11 1.90 -28.37
C ASP A 235 -4.58 1.54 -28.17
N THR A 236 -5.43 2.49 -28.57
CA THR A 236 -6.80 2.59 -28.09
C THR A 236 -7.75 1.53 -28.66
N GLU A 237 -7.63 1.28 -29.97
CA GLU A 237 -8.31 0.15 -30.64
C GLU A 237 -8.19 -1.17 -29.91
N GLU A 238 -6.94 -1.59 -29.77
CA GLU A 238 -6.64 -2.91 -29.26
C GLU A 238 -7.13 -2.97 -27.83
N LEU A 239 -7.13 -1.80 -27.18
CA LEU A 239 -7.70 -1.61 -25.85
C LEU A 239 -9.20 -1.92 -25.80
N GLU A 240 -10.00 -1.29 -26.67
CA GLU A 240 -11.43 -1.61 -26.64
C GLU A 240 -11.71 -3.06 -26.92
N GLU A 241 -10.90 -3.71 -27.77
CA GLU A 241 -11.29 -5.09 -28.08
C GLU A 241 -10.85 -6.01 -26.95
N VAL A 242 -9.76 -5.67 -26.27
CA VAL A 242 -9.38 -6.43 -25.10
C VAL A 242 -10.44 -6.30 -24.01
N LEU A 243 -10.95 -5.09 -23.84
CA LEU A 243 -11.99 -4.83 -22.85
C LEU A 243 -13.29 -5.58 -23.20
N GLU A 244 -13.65 -5.54 -24.48
CA GLU A 244 -14.81 -6.31 -24.97
C GLU A 244 -14.68 -7.82 -24.65
N GLU A 245 -13.49 -8.37 -24.91
CA GLU A 245 -13.20 -9.77 -24.56
C GLU A 245 -13.31 -10.06 -23.06
N ILE A 246 -12.72 -9.19 -22.23
CA ILE A 246 -12.80 -9.34 -20.79
C ILE A 246 -14.24 -9.34 -20.31
N LEU A 247 -15.03 -8.42 -20.82
CA LEU A 247 -16.45 -8.31 -20.45
C LEU A 247 -17.26 -9.51 -20.97
N ASP A 248 -16.78 -10.21 -22.00
CA ASP A 248 -17.59 -11.29 -22.59
C ASP A 248 -17.82 -12.40 -21.60
N GLN A 249 -16.98 -12.50 -20.58
CA GLN A 249 -17.14 -13.58 -19.65
C GLN A 249 -18.38 -13.40 -18.77
N TYR A 250 -19.00 -12.23 -18.84
CA TYR A 250 -20.21 -11.93 -18.08
C TYR A 250 -21.50 -12.12 -18.91
N ALA A 251 -21.36 -12.43 -20.20
CA ALA A 251 -22.55 -12.56 -21.05
C ALA A 251 -23.32 -13.81 -20.63
N GLU A 252 -22.57 -14.82 -20.17
CA GLU A 252 -23.12 -16.02 -19.57
C GLU A 252 -24.32 -15.76 -18.65
N ILE B 7 14.78 -1.63 39.83
CA ILE B 7 15.28 -2.87 39.25
C ILE B 7 14.11 -3.66 38.62
N GLY B 8 13.00 -2.97 38.38
CA GLY B 8 11.84 -3.51 37.65
C GLY B 8 10.82 -4.24 38.50
N ALA B 9 9.54 -4.09 38.16
CA ALA B 9 8.46 -4.70 38.94
C ALA B 9 7.59 -5.60 38.09
N ALA B 10 6.72 -4.98 37.29
CA ALA B 10 5.82 -5.70 36.39
C ALA B 10 6.57 -6.31 35.19
N LYS B 11 6.19 -7.52 34.82
CA LYS B 11 6.88 -8.28 33.79
C LYS B 11 5.87 -8.70 32.72
N VAL B 12 6.30 -8.68 31.45
CA VAL B 12 5.40 -9.03 30.36
C VAL B 12 5.99 -10.13 29.49
N ASP B 13 5.16 -11.10 29.12
CA ASP B 13 5.63 -12.20 28.29
C ASP B 13 4.58 -12.65 27.26
N THR B 14 4.91 -12.58 25.97
CA THR B 14 3.96 -12.97 24.92
C THR B 14 4.25 -14.39 24.43
N ILE B 15 3.21 -15.22 24.28
CA ILE B 15 3.37 -16.60 23.75
C ILE B 15 2.39 -16.86 22.63
N LEU B 16 2.92 -17.05 21.44
CA LEU B 16 2.13 -17.43 20.28
C LEU B 16 1.92 -18.93 20.34
N GLU B 17 0.85 -19.41 19.73
CA GLU B 17 0.52 -20.83 19.80
C GLU B 17 1.32 -21.70 18.83
N LYS B 18 1.77 -21.10 17.74
CA LYS B 18 2.59 -21.84 16.79
C LYS B 18 3.92 -21.16 16.54
N ASP B 19 4.85 -21.95 16.02
CA ASP B 19 6.16 -21.46 15.65
C ASP B 19 6.16 -20.84 14.24
N ALA B 20 5.32 -21.35 13.34
CA ALA B 20 5.38 -20.97 11.94
C ALA B 20 4.01 -20.61 11.39
N TYR B 21 4.01 -19.57 10.55
CA TYR B 21 2.80 -19.10 9.90
C TYR B 21 3.17 -18.71 8.48
N PHE B 22 2.20 -18.65 7.57
CA PHE B 22 2.43 -17.96 6.29
C PHE B 22 1.40 -16.81 6.12
N PRO B 23 1.66 -15.86 5.19
CA PRO B 23 0.76 -14.71 5.02
C PRO B 23 -0.71 -15.11 4.86
N GLY B 24 -1.62 -14.41 5.53
CA GLY B 24 -3.04 -14.72 5.45
C GLY B 24 -3.52 -15.60 6.59
N GLU B 25 -2.61 -16.31 7.24
CA GLU B 25 -2.94 -17.17 8.36
C GLU B 25 -3.18 -16.40 9.64
N GLU B 26 -4.04 -16.92 10.49
CA GLU B 26 -4.32 -16.24 11.74
C GLU B 26 -3.35 -16.61 12.85
N VAL B 27 -2.71 -15.59 13.40
CA VAL B 27 -1.84 -15.75 14.56
C VAL B 27 -2.65 -15.56 15.82
N GLN B 28 -2.59 -16.53 16.71
CA GLN B 28 -3.25 -16.45 18.00
C GLN B 28 -2.21 -16.59 19.09
N GLY B 29 -2.46 -15.95 20.23
CA GLY B 29 -1.55 -16.12 21.33
C GLY B 29 -2.03 -15.40 22.57
N THR B 30 -1.17 -15.30 23.57
CA THR B 30 -1.55 -14.65 24.80
C THR B 30 -0.44 -13.75 25.34
N VAL B 31 -0.81 -12.56 25.76
CA VAL B 31 0.10 -11.71 26.51
C VAL B 31 -0.11 -11.97 28.00
N HIS B 32 0.94 -12.47 28.66
CA HIS B 32 0.94 -12.68 30.09
C HIS B 32 1.58 -11.50 30.80
N VAL B 33 0.88 -10.95 31.78
CA VAL B 33 1.40 -9.85 32.56
C VAL B 33 1.40 -10.21 34.03
N LYS B 34 2.52 -9.96 34.71
CA LYS B 34 2.58 -10.21 36.14
C LYS B 34 3.09 -8.98 36.89
N GLY B 35 2.29 -8.48 37.83
CA GLY B 35 2.60 -7.25 38.52
C GLY B 35 3.77 -7.42 39.47
N GLY B 36 4.43 -6.32 39.75
CA GLY B 36 5.58 -6.35 40.62
C GLY B 36 5.24 -6.13 42.07
N LYS B 37 6.21 -5.62 42.81
CA LYS B 37 6.07 -5.42 44.23
C LYS B 37 4.93 -4.45 44.55
N ILE B 38 4.87 -3.33 43.85
CA ILE B 38 3.79 -2.38 44.08
C ILE B 38 3.05 -2.07 42.79
N ALA B 39 1.77 -1.75 42.94
CA ALA B 39 0.83 -1.73 41.84
C ALA B 39 1.15 -0.62 40.86
N GLN B 40 0.97 -0.91 39.57
CA GLN B 40 1.22 0.09 38.55
C GLN B 40 0.01 0.25 37.65
N ASP B 41 -0.08 1.42 37.05
CA ASP B 41 -1.17 1.74 36.16
C ASP B 41 -0.71 1.46 34.73
N ILE B 42 -1.34 0.46 34.11
CA ILE B 42 -1.04 0.11 32.73
C ILE B 42 -2.00 0.82 31.77
N ARG B 43 -1.45 1.62 30.87
CA ARG B 43 -2.26 2.38 29.93
C ARG B 43 -2.78 1.54 28.78
N TYR B 44 -1.98 0.59 28.31
CA TYR B 44 -2.37 -0.28 27.21
C TYR B 44 -1.36 -1.40 26.94
N ILE B 45 -1.81 -2.40 26.19
CA ILE B 45 -0.91 -3.40 25.62
C ILE B 45 -1.07 -3.45 24.10
N ASP B 46 0.02 -3.12 23.42
CA ASP B 46 0.13 -3.14 21.96
C ASP B 46 1.04 -4.25 21.44
N LEU B 47 0.66 -4.82 20.31
CA LEU B 47 1.51 -5.73 19.57
C LEU B 47 1.90 -5.24 18.21
N GLN B 48 3.13 -5.50 17.86
CA GLN B 48 3.61 -5.16 16.54
C GLN B 48 4.46 -6.23 15.87
N LEU B 49 4.25 -6.38 14.57
CA LEU B 49 5.04 -7.25 13.74
C LEU B 49 6.02 -6.36 12.99
N SER B 50 7.31 -6.65 13.05
CA SER B 50 8.23 -5.78 12.35
C SER B 50 9.37 -6.58 11.73
N THR B 51 10.01 -5.98 10.73
CA THR B 51 11.17 -6.59 10.08
C THR B 51 12.10 -5.46 9.73
N ARG B 52 13.19 -5.74 9.03
CA ARG B 52 14.05 -4.65 8.62
C ARG B 52 14.31 -4.65 7.14
N TYR B 53 14.65 -3.48 6.60
CA TYR B 53 14.98 -3.43 5.18
C TYR B 53 16.20 -2.57 4.91
N VAL B 54 16.85 -2.87 3.78
CA VAL B 54 18.12 -2.26 3.44
C VAL B 54 17.95 -1.03 2.57
N ILE B 55 18.70 0.00 2.92
CA ILE B 55 18.90 1.20 2.13
C ILE B 55 20.38 1.33 1.86
N VAL B 56 20.78 1.35 0.59
CA VAL B 56 22.20 1.48 0.29
C VAL B 56 22.45 2.92 -0.09
N LYS B 57 23.38 3.55 0.62
CA LYS B 57 23.79 4.93 0.31
C LYS B 57 25.31 4.99 0.21
N ASP B 58 25.80 5.51 -0.91
CA ASP B 58 27.23 5.59 -1.17
C ASP B 58 27.89 4.22 -0.97
N ASP B 59 27.26 3.20 -1.55
CA ASP B 59 27.73 1.81 -1.48
C ASP B 59 27.95 1.31 -0.06
N GLU B 60 27.19 1.82 0.91
CA GLU B 60 27.14 1.13 2.20
C GLU B 60 25.70 0.91 2.68
N GLU B 61 25.49 -0.27 3.26
CA GLU B 61 24.20 -0.73 3.76
C GLU B 61 23.76 -0.12 5.11
N HIS B 62 22.55 0.44 5.11
CA HIS B 62 21.85 0.86 6.32
C HIS B 62 20.62 -0.05 6.50
N ARG B 63 20.42 -0.66 7.67
CA ARG B 63 19.19 -1.41 7.90
C ARG B 63 18.22 -0.63 8.76
N LYS B 64 16.99 -0.55 8.30
CA LYS B 64 15.97 0.29 8.91
C LYS B 64 14.77 -0.55 9.33
N TYR B 65 14.30 -0.35 10.57
CA TYR B 65 13.18 -1.14 11.01
C TYR B 65 11.88 -0.65 10.39
N ALA B 66 10.97 -1.58 10.16
CA ALA B 66 9.68 -1.22 9.60
C ALA B 66 8.61 -2.07 10.23
N THR B 67 7.52 -1.40 10.54
CA THR B 67 6.36 -2.02 11.16
C THR B 67 5.43 -2.54 10.06
N ILE B 68 5.20 -3.86 10.09
CA ILE B 68 4.33 -4.55 9.14
C ILE B 68 2.88 -4.47 9.56
N HIS B 69 2.63 -4.64 10.84
CA HIS B 69 1.27 -4.63 11.36
C HIS B 69 1.28 -4.19 12.83
N SER B 70 0.21 -3.54 13.27
CA SER B 70 0.13 -3.08 14.65
C SER B 70 -1.29 -3.10 15.14
N PHE B 71 -1.51 -3.52 16.37
CA PHE B 71 -2.85 -3.42 16.94
C PHE B 71 -2.75 -3.42 18.46
N ARG B 72 -3.84 -3.02 19.11
CA ARG B 72 -3.88 -2.95 20.58
C ARG B 72 -4.46 -4.22 21.18
N VAL B 73 -3.70 -4.88 22.02
CA VAL B 73 -4.18 -6.09 22.68
C VAL B 73 -5.18 -5.71 23.76
N THR B 74 -4.86 -4.73 24.57
CA THR B 74 -5.81 -4.37 25.61
C THR B 74 -5.71 -2.91 26.02
N GLY B 75 -6.76 -2.42 26.65
CA GLY B 75 -6.79 -1.04 27.10
C GLY B 75 -6.34 -0.95 28.53
N SER B 76 -6.47 0.25 29.09
CA SER B 76 -5.96 0.56 30.43
C SER B 76 -6.59 -0.29 31.53
N PHE B 77 -5.73 -0.71 32.44
CA PHE B 77 -6.14 -1.41 33.65
C PHE B 77 -5.04 -1.23 34.67
N THR B 78 -5.37 -1.41 35.94
CA THR B 78 -4.37 -1.33 36.98
C THR B 78 -3.95 -2.74 37.39
N ILE B 79 -2.64 -2.94 37.52
CA ILE B 79 -2.09 -4.23 37.92
C ILE B 79 -1.60 -4.10 39.36
N GLN B 80 -2.06 -5.00 40.24
CA GLN B 80 -1.69 -4.91 41.67
C GLN B 80 -0.63 -5.97 42.07
N PRO B 81 -0.11 -5.97 43.33
CA PRO B 81 1.07 -6.81 43.57
C PRO B 81 0.96 -8.29 43.19
N GLY B 82 1.94 -8.76 42.41
CA GLY B 82 2.05 -10.18 42.09
C GLY B 82 0.92 -10.71 41.24
N GLU B 83 0.03 -9.82 40.84
CA GLU B 83 -1.20 -10.18 40.16
C GLU B 83 -0.91 -10.70 38.75
N GLU B 84 -1.64 -11.73 38.33
CA GLU B 84 -1.41 -12.33 37.01
C GLU B 84 -2.59 -12.15 36.07
N HIS B 85 -2.30 -11.61 34.89
CA HIS B 85 -3.33 -11.31 33.90
C HIS B 85 -2.96 -11.91 32.56
N GLN B 86 -3.98 -12.42 31.87
CA GLN B 86 -3.80 -12.98 30.53
C GLN B 86 -4.69 -12.26 29.53
N PHE B 87 -4.07 -11.69 28.50
CA PHE B 87 -4.83 -11.09 27.42
C PHE B 87 -4.61 -11.88 26.14
N PRO B 88 -5.60 -12.71 25.78
CA PRO B 88 -5.52 -13.46 24.53
C PRO B 88 -5.84 -12.58 23.32
N PHE B 89 -5.18 -12.87 22.21
CA PHE B 89 -5.33 -12.08 21.00
C PHE B 89 -5.28 -12.96 19.78
N THR B 90 -5.78 -12.41 18.71
CA THR B 90 -5.64 -12.98 17.40
C THR B 90 -5.51 -11.82 16.43
N PHE B 91 -4.73 -12.03 15.39
CA PHE B 91 -4.67 -11.07 14.30
C PHE B 91 -4.29 -11.85 13.06
N THR B 92 -4.58 -11.31 11.90
CA THR B 92 -4.21 -11.95 10.66
C THR B 92 -2.87 -11.41 10.15
N LEU B 93 -1.99 -12.34 9.76
CA LEU B 93 -0.74 -11.99 9.13
C LEU B 93 -0.98 -11.33 7.78
N PRO B 94 -0.55 -10.07 7.64
CA PRO B 94 -0.71 -9.38 6.35
C PRO B 94 -0.08 -10.16 5.18
N LEU B 95 -0.67 -10.00 3.99
CA LEU B 95 -0.20 -10.73 2.82
C LEU B 95 1.16 -10.27 2.30
N ASP B 96 1.60 -9.07 2.69
CA ASP B 96 2.92 -8.58 2.29
C ASP B 96 4.00 -8.83 3.36
N THR B 97 3.66 -9.60 4.40
CA THR B 97 4.64 -10.03 5.38
C THR B 97 5.74 -10.79 4.67
N PRO B 98 7.03 -10.44 4.90
CA PRO B 98 8.12 -11.09 4.18
C PRO B 98 8.37 -12.50 4.69
N ILE B 99 8.95 -13.33 3.84
CA ILE B 99 9.29 -14.71 4.17
C ILE B 99 10.58 -14.80 4.99
N THR B 100 10.61 -15.67 5.99
CA THR B 100 11.79 -15.75 6.82
C THR B 100 12.77 -16.73 6.16
N VAL B 101 13.77 -16.14 5.52
CA VAL B 101 14.83 -16.84 4.79
C VAL B 101 15.96 -15.84 4.62
N GLY B 102 17.18 -16.33 4.42
CA GLY B 102 18.33 -15.47 4.30
C GLY B 102 18.49 -14.69 5.59
N LYS B 103 18.62 -13.37 5.44
CA LYS B 103 18.84 -12.50 6.57
C LYS B 103 17.55 -11.89 7.12
N VAL B 104 16.42 -12.19 6.48
CA VAL B 104 15.16 -11.60 6.89
C VAL B 104 14.61 -12.24 8.17
N GLU B 105 14.40 -11.44 9.21
CA GLU B 105 13.69 -11.92 10.38
C GLU B 105 12.43 -11.10 10.60
N VAL B 106 11.40 -11.76 11.09
CA VAL B 106 10.17 -11.12 11.43
C VAL B 106 9.96 -11.27 12.93
N ALA B 107 9.70 -10.16 13.60
CA ALA B 107 9.58 -10.16 15.04
C ALA B 107 8.21 -9.67 15.47
N VAL B 108 7.69 -10.31 16.52
CA VAL B 108 6.51 -9.85 17.24
C VAL B 108 6.96 -9.07 18.47
N VAL B 109 6.66 -7.77 18.52
CA VAL B 109 7.10 -6.92 19.63
C VAL B 109 5.89 -6.55 20.49
N THR B 110 6.00 -6.83 21.77
CA THR B 110 4.94 -6.50 22.71
C THR B 110 5.33 -5.20 23.45
N ASP B 111 4.45 -4.21 23.38
CA ASP B 111 4.64 -2.97 24.13
C ASP B 111 3.55 -2.86 25.19
N LEU B 112 3.98 -2.99 26.43
CA LEU B 112 3.10 -2.78 27.56
C LEU B 112 3.47 -1.42 28.15
N ASP B 113 2.55 -0.48 28.00
CA ASP B 113 2.80 0.91 28.35
C ASP B 113 2.36 1.16 29.78
N ILE B 114 3.29 1.64 30.60
CA ILE B 114 2.99 1.90 32.00
C ILE B 114 3.11 3.38 32.25
N GLN B 115 2.05 3.95 32.82
CA GLN B 115 2.07 5.36 33.07
C GLN B 115 2.86 5.61 34.33
N GLY B 116 3.98 6.28 34.15
CA GLY B 116 4.79 6.67 35.27
C GLY B 116 5.23 5.68 36.33
N GLY B 117 5.90 4.55 36.06
CA GLY B 117 6.17 3.89 34.78
C GLY B 117 7.53 4.00 34.07
N ILE B 118 8.01 2.84 33.67
CA ILE B 118 9.10 2.64 32.70
C ILE B 118 8.49 1.49 31.90
N ASP B 119 8.23 1.71 30.62
CA ASP B 119 7.37 0.77 29.90
C ASP B 119 8.09 -0.56 29.75
N LYS B 120 7.32 -1.64 29.62
CA LYS B 120 7.88 -2.98 29.50
C LYS B 120 7.63 -3.52 28.10
N SER B 121 8.50 -4.41 27.63
CA SER B 121 8.38 -4.93 26.27
C SER B 121 8.69 -6.42 26.22
N ASP B 122 8.32 -7.04 25.11
CA ASP B 122 8.74 -8.41 24.82
C ASP B 122 9.03 -8.52 23.32
N HIS B 123 9.81 -9.52 22.94
CA HIS B 123 10.15 -9.79 21.55
C HIS B 123 10.10 -11.33 21.24
N ASP B 124 9.31 -11.73 20.27
CA ASP B 124 9.24 -13.11 19.82
C ASP B 124 9.45 -13.22 18.32
N ARG B 125 10.53 -13.85 17.90
CA ARG B 125 10.70 -14.16 16.49
C ARG B 125 9.49 -14.99 16.00
N ILE B 126 9.03 -14.74 14.77
CA ILE B 126 8.17 -15.73 14.13
C ILE B 126 8.75 -16.05 12.77
N PHE B 127 8.65 -17.32 12.40
CA PHE B 127 9.06 -17.77 11.09
C PHE B 127 7.87 -17.65 10.19
N VAL B 128 8.10 -16.99 9.06
CA VAL B 128 7.07 -16.80 8.06
C VAL B 128 7.41 -17.68 6.88
N GLU B 129 6.57 -18.67 6.64
CA GLU B 129 6.77 -19.62 5.55
C GLU B 129 6.29 -19.01 4.23
N ALA B 130 6.86 -19.47 3.12
CA ALA B 130 6.38 -19.11 1.79
C ALA B 130 4.92 -19.52 1.60
N HIS B 131 4.12 -18.59 1.09
CA HIS B 131 2.74 -18.89 0.76
C HIS B 131 2.73 -19.98 -0.33
N PRO B 132 1.76 -20.90 -0.28
CA PRO B 132 1.77 -22.05 -1.21
C PRO B 132 1.97 -21.65 -2.67
N TRP B 133 1.25 -20.61 -3.13
CA TRP B 133 1.41 -20.11 -4.49
C TRP B 133 2.85 -19.63 -4.74
N ILE B 134 3.42 -18.95 -3.74
CA ILE B 134 4.77 -18.43 -3.88
C ILE B 134 5.76 -19.58 -3.96
N GLU B 135 5.60 -20.57 -3.10
CA GLU B 135 6.48 -21.73 -3.16
C GLU B 135 6.31 -22.54 -4.46
N ASN B 136 5.12 -22.51 -5.06
CA ASN B 136 4.93 -23.09 -6.40
C ASN B 136 5.79 -22.38 -7.41
N VAL B 137 5.76 -21.04 -7.35
CA VAL B 137 6.58 -20.26 -8.26
C VAL B 137 8.06 -20.56 -8.05
N LEU B 138 8.47 -20.68 -6.78
CA LEU B 138 9.88 -20.84 -6.48
C LEU B 138 10.37 -22.21 -6.97
N GLU B 139 9.59 -23.25 -6.67
CA GLU B 139 9.95 -24.60 -7.13
C GLU B 139 9.99 -24.68 -8.65
N ALA B 140 9.02 -24.05 -9.31
CA ALA B 140 9.03 -23.96 -10.76
C ALA B 140 10.31 -23.30 -11.29
N ILE B 141 10.70 -22.19 -10.66
CA ILE B 141 11.90 -21.45 -11.08
C ILE B 141 13.16 -22.28 -10.93
N GLU B 142 13.27 -22.99 -9.80
CA GLU B 142 14.45 -23.81 -9.59
C GLU B 142 14.48 -25.03 -10.54
N ASN B 143 13.32 -25.56 -10.92
CA ASN B 143 13.32 -26.67 -11.88
C ASN B 143 13.88 -26.28 -13.25
N LEU B 144 13.69 -25.02 -13.62
CA LEU B 144 14.10 -24.52 -14.93
C LEU B 144 15.62 -24.42 -15.07
N GLY B 145 16.34 -24.75 -14.00
CA GLY B 145 17.77 -24.48 -13.96
C GLY B 145 18.22 -23.28 -13.15
N PHE B 146 17.48 -22.94 -12.10
CA PHE B 146 17.94 -21.89 -11.16
C PHE B 146 18.10 -22.38 -9.71
N ARG B 147 18.83 -21.59 -8.93
CA ARG B 147 18.95 -21.82 -7.50
C ARG B 147 18.76 -20.52 -6.68
N LEU B 148 17.98 -20.58 -5.61
CA LEU B 148 17.78 -19.36 -4.79
C LEU B 148 19.05 -19.03 -4.02
N ASN B 149 19.57 -17.83 -4.26
CA ASN B 149 20.85 -17.40 -3.71
C ASN B 149 20.65 -16.49 -2.50
N GLU B 150 19.86 -15.43 -2.71
CA GLU B 150 19.62 -14.49 -1.63
C GLU B 150 18.16 -14.06 -1.59
N ALA B 151 17.69 -13.64 -0.44
CA ALA B 151 16.40 -12.98 -0.35
C ALA B 151 16.55 -11.92 0.72
N ASP B 152 16.21 -10.69 0.40
CA ASP B 152 16.28 -9.71 1.48
C ASP B 152 15.29 -8.62 1.19
N CYS B 153 14.95 -7.88 2.23
CA CYS B 153 14.03 -6.77 2.08
C CYS B 153 14.80 -5.52 1.73
N GLU B 154 14.41 -4.94 0.59
CA GLU B 154 15.09 -3.84 -0.05
C GLU B 154 14.16 -2.65 -0.16
N GLN B 155 14.72 -1.47 0.03
CA GLN B 155 14.07 -0.19 -0.15
C GLN B 155 13.40 -0.14 -1.53
N ALA B 156 12.13 0.22 -1.57
CA ALA B 156 11.39 0.23 -2.84
C ALA B 156 10.39 1.36 -2.96
N PRO B 157 10.86 2.63 -2.91
CA PRO B 157 9.93 3.77 -3.07
C PRO B 157 9.26 3.80 -4.44
N TYR B 158 9.94 3.27 -5.46
CA TYR B 158 9.42 3.28 -6.82
C TYR B 158 8.03 2.63 -6.96
N PHE B 159 7.77 1.58 -6.18
CA PHE B 159 6.50 0.84 -6.31
C PHE B 159 5.37 1.40 -5.50
N GLN B 160 5.68 2.36 -4.60
CA GLN B 160 4.64 3.06 -3.82
C GLN B 160 3.64 2.08 -3.18
N ARG B 161 4.20 1.04 -2.56
CA ARG B 161 3.45 -0.04 -1.92
C ARG B 161 2.97 0.37 -0.52
N ARG B 162 2.24 -0.52 0.14
CA ARG B 162 1.85 -0.26 1.53
C ARG B 162 3.09 -0.15 2.40
N LEU B 163 4.02 -1.10 2.24
CA LEU B 163 5.29 -1.04 2.95
C LEU B 163 6.36 -0.33 2.10
N PRO B 164 7.36 0.30 2.76
CA PRO B 164 8.49 0.99 2.10
C PRO B 164 9.48 0.03 1.43
N PHE B 165 9.38 -1.27 1.68
CA PHE B 165 10.31 -2.23 1.13
C PHE B 165 9.58 -3.33 0.34
N VAL B 166 10.33 -4.06 -0.48
CA VAL B 166 9.82 -5.32 -1.04
C VAL B 166 10.86 -6.39 -0.79
N GLN B 167 10.42 -7.65 -0.75
CA GLN B 167 11.32 -8.76 -0.61
C GLN B 167 11.82 -9.20 -1.97
N GLU B 168 13.13 -9.09 -2.15
CA GLU B 168 13.77 -9.41 -3.40
C GLU B 168 14.44 -10.79 -3.36
N PHE B 169 13.92 -11.68 -4.21
CA PHE B 169 14.46 -13.03 -4.35
C PHE B 169 15.45 -13.00 -5.49
N GLU B 170 16.67 -13.38 -5.19
CA GLU B 170 17.74 -13.40 -6.17
C GLU B 170 18.18 -14.83 -6.37
N PHE B 171 18.02 -15.27 -7.62
CA PHE B 171 18.32 -16.62 -8.08
C PHE B 171 19.58 -16.62 -8.94
N VAL B 172 20.35 -17.72 -8.89
CA VAL B 172 21.53 -17.86 -9.74
C VAL B 172 21.33 -19.06 -10.69
N PRO B 173 21.73 -18.89 -11.96
CA PRO B 173 21.50 -19.97 -12.92
C PRO B 173 22.37 -21.20 -12.63
N THR B 174 21.74 -22.39 -12.56
CA THR B 174 22.43 -23.67 -12.40
C THR B 174 22.58 -24.49 -13.69
N SER B 175 22.03 -23.97 -14.79
CA SER B 175 22.14 -24.65 -16.06
C SER B 175 22.96 -23.79 -17.03
N GLY B 176 23.61 -24.44 -17.99
CA GLY B 176 24.40 -23.77 -19.01
C GLY B 176 23.63 -22.74 -19.83
N TYR B 177 22.38 -23.07 -20.14
CA TYR B 177 21.52 -22.19 -20.94
C TYR B 177 21.27 -20.82 -20.26
N TYR B 178 20.86 -20.88 -19.00
CA TYR B 178 20.53 -19.68 -18.25
C TYR B 178 21.80 -18.96 -17.78
N ARG B 179 22.88 -19.71 -17.54
CA ARG B 179 24.19 -19.09 -17.31
C ARG B 179 24.53 -18.21 -18.50
N GLN B 180 24.25 -18.73 -19.69
CA GLN B 180 24.51 -17.93 -20.88
C GLN B 180 23.55 -16.74 -21.00
N MET B 181 22.30 -16.93 -20.60
CA MET B 181 21.31 -15.85 -20.71
C MET B 181 21.53 -14.67 -19.78
N LEU B 182 21.94 -14.92 -18.54
CA LEU B 182 22.00 -13.88 -17.53
C LEU B 182 23.01 -14.22 -16.45
N ASP B 183 23.47 -13.21 -15.71
CA ASP B 183 24.31 -13.47 -14.57
C ASP B 183 23.48 -13.82 -13.33
N GLU B 184 22.33 -13.16 -13.15
CA GLU B 184 21.36 -13.63 -12.15
C GLU B 184 19.95 -13.10 -12.40
N LEU B 185 18.98 -13.77 -11.77
CA LEU B 185 17.56 -13.47 -11.91
C LEU B 185 16.99 -12.86 -10.62
N GLU B 186 16.10 -11.86 -10.74
CA GLU B 186 15.45 -11.25 -9.56
C GLU B 186 13.93 -11.26 -9.68
N LEU B 187 13.27 -11.70 -8.61
CA LEU B 187 11.82 -11.77 -8.50
C LEU B 187 11.29 -10.99 -7.28
N ILE B 188 10.20 -10.27 -7.47
CA ILE B 188 9.44 -9.71 -6.37
C ILE B 188 8.03 -10.27 -6.38
N PHE B 189 7.58 -10.81 -5.25
CA PHE B 189 6.21 -11.29 -5.14
C PHE B 189 5.33 -10.27 -4.45
N LEU B 190 4.23 -9.94 -5.12
CA LEU B 190 3.17 -9.14 -4.54
C LEU B 190 1.92 -10.00 -4.43
N LEU B 191 1.64 -10.45 -3.21
CA LEU B 191 0.58 -11.40 -2.94
C LEU B 191 -0.73 -10.66 -2.63
N ASP B 192 -1.84 -11.04 -3.25
CA ASP B 192 -3.15 -10.50 -2.86
C ASP B 192 -4.10 -11.70 -2.69
N GLU B 193 -5.36 -11.43 -2.38
CA GLU B 193 -6.31 -12.51 -2.09
C GLU B 193 -6.64 -13.39 -3.29
N ASP B 194 -6.64 -12.78 -4.47
CA ASP B 194 -7.05 -13.45 -5.71
C ASP B 194 -5.91 -13.96 -6.59
N GLY B 195 -4.68 -13.77 -6.15
CA GLY B 195 -3.57 -14.15 -6.97
C GLY B 195 -2.28 -13.51 -6.53
N LEU B 196 -1.37 -13.43 -7.48
CA LEU B 196 0.00 -13.07 -7.20
C LEU B 196 0.54 -12.27 -8.36
N GLU B 197 1.22 -11.16 -8.08
CA GLU B 197 1.89 -10.41 -9.13
C GLU B 197 3.39 -10.63 -8.99
N ILE B 198 4.07 -10.88 -10.11
CA ILE B 198 5.52 -11.07 -10.10
C ILE B 198 6.23 -10.00 -10.90
N ILE B 199 7.24 -9.39 -10.27
CA ILE B 199 8.10 -8.45 -10.96
C ILE B 199 9.40 -9.17 -11.27
N PHE B 200 9.82 -9.11 -12.54
CA PHE B 200 11.01 -9.81 -13.03
C PHE B 200 12.08 -8.83 -13.41
N GLU B 201 13.34 -9.13 -13.06
CA GLU B 201 14.43 -8.29 -13.52
C GLU B 201 15.67 -9.18 -13.66
N VAL B 202 16.65 -8.76 -14.46
CA VAL B 202 17.87 -9.57 -14.54
C VAL B 202 19.11 -8.70 -14.35
N ASP B 203 20.17 -9.35 -13.86
CA ASP B 203 21.50 -8.77 -13.80
C ASP B 203 21.54 -7.51 -12.95
N ARG B 204 20.71 -7.48 -11.91
CA ARG B 204 20.74 -6.38 -10.95
C ARG B 204 22.06 -6.36 -10.19
N ARG B 205 22.58 -7.52 -9.79
CA ARG B 205 23.85 -7.55 -9.06
C ARG B 205 24.96 -7.17 -10.00
N ALA B 206 24.89 -7.73 -11.20
CA ALA B 206 25.87 -7.42 -12.22
C ALA B 206 25.96 -5.91 -12.45
N ARG B 207 24.81 -5.25 -12.44
CA ARG B 207 24.74 -3.82 -12.71
C ARG B 207 24.98 -3.02 -11.44
N GLY B 208 25.24 -3.73 -10.33
CA GLY B 208 25.48 -3.07 -9.06
C GLY B 208 24.27 -2.25 -8.61
N LEU B 209 23.07 -2.76 -8.83
CA LEU B 209 21.83 -2.08 -8.44
C LEU B 209 21.30 -2.57 -7.10
N ARG B 210 20.96 -1.63 -6.22
CA ARG B 210 20.35 -1.98 -4.94
C ARG B 210 19.15 -1.09 -4.68
N GLY B 211 18.08 -1.69 -4.16
CA GLY B 211 16.87 -0.96 -3.89
C GLY B 211 16.09 -0.71 -5.16
N TRP B 212 14.85 -0.25 -5.02
CA TRP B 212 14.04 -0.02 -6.20
C TRP B 212 13.63 1.44 -6.27
N LEU B 213 14.23 2.15 -7.21
CA LEU B 213 14.15 3.60 -7.27
C LEU B 213 13.83 4.08 -8.68
N GLU B 214 13.21 5.25 -8.75
CA GLU B 214 12.84 5.90 -10.02
C GLU B 214 13.96 5.99 -11.05
N GLU B 215 15.14 6.33 -10.54
CA GLU B 215 16.35 6.56 -11.32
C GLU B 215 16.80 5.36 -12.14
N MET B 216 16.34 4.19 -11.77
CA MET B 216 16.65 2.98 -12.52
C MET B 216 15.76 2.82 -13.77
N TYR B 217 14.56 3.40 -13.75
CA TYR B 217 13.64 3.33 -14.89
C TYR B 217 13.44 4.64 -15.69
N ASN B 218 14.19 5.70 -15.34
CA ASN B 218 14.12 7.00 -16.02
C ASN B 218 14.81 7.09 -17.40
N ASP B 219 15.78 6.21 -17.62
CA ASP B 219 16.63 6.24 -18.82
C ASP B 219 15.97 5.38 -19.90
N GLY B 220 14.74 4.95 -19.61
CA GLY B 220 13.96 4.19 -20.57
C GLY B 220 14.15 2.71 -20.40
N GLU B 221 14.83 2.31 -19.33
CA GLU B 221 14.82 0.92 -18.91
C GLU B 221 13.36 0.63 -18.59
N GLN B 222 12.87 -0.55 -18.91
CA GLN B 222 11.56 -0.92 -18.41
C GLN B 222 11.51 -2.35 -17.85
N LEU B 223 10.38 -2.62 -17.20
CA LEU B 223 10.26 -3.63 -16.17
C LEU B 223 9.18 -4.64 -16.53
N VAL B 224 9.50 -5.92 -16.37
CA VAL B 224 8.53 -6.97 -16.66
C VAL B 224 7.69 -7.24 -15.44
N ARG B 225 6.39 -7.00 -15.57
CA ARG B 225 5.46 -7.14 -14.46
C ARG B 225 4.26 -7.96 -14.87
N VAL B 226 4.09 -9.11 -14.24
CA VAL B 226 3.08 -10.05 -14.69
C VAL B 226 2.19 -10.56 -13.57
N ARG B 227 0.87 -10.48 -13.75
CA ARG B 227 -0.05 -11.03 -12.78
C ARG B 227 -0.49 -12.46 -13.13
N PHE B 228 -0.41 -13.36 -12.15
CA PHE B 228 -0.99 -14.69 -12.22
C PHE B 228 -2.19 -14.75 -11.28
N SER B 229 -3.24 -15.46 -11.68
CA SER B 229 -4.41 -15.64 -10.83
C SER B 229 -4.25 -16.95 -10.05
N GLN B 230 -5.19 -17.25 -9.17
CA GLN B 230 -5.13 -18.47 -8.38
C GLN B 230 -5.04 -19.75 -9.20
N SER B 231 -5.86 -19.83 -10.25
CA SER B 231 -5.94 -21.06 -11.05
C SER B 231 -4.58 -21.39 -11.63
N GLU B 232 -3.97 -20.38 -12.24
CA GLU B 232 -2.65 -20.50 -12.84
C GLU B 232 -1.59 -20.92 -11.83
N LEU B 233 -1.62 -20.34 -10.64
CA LEU B 233 -0.61 -20.65 -9.63
C LEU B 233 -0.77 -22.05 -9.08
N GLU B 234 -2.00 -22.55 -9.04
CA GLU B 234 -2.23 -23.89 -8.50
C GLU B 234 -2.04 -24.93 -9.59
N ASP B 235 -1.79 -24.46 -10.79
CA ASP B 235 -1.63 -25.35 -11.92
C ASP B 235 -0.13 -25.38 -12.26
N THR B 236 0.55 -26.48 -11.90
CA THR B 236 2.02 -26.55 -11.72
C THR B 236 2.87 -26.56 -12.98
N GLU B 237 2.48 -27.48 -13.83
CA GLU B 237 2.94 -27.66 -15.20
C GLU B 237 2.99 -26.38 -16.05
N GLU B 238 1.82 -25.81 -16.28
CA GLU B 238 1.74 -24.67 -17.19
C GLU B 238 2.39 -23.50 -16.49
N LEU B 239 2.44 -23.53 -15.16
CA LEU B 239 3.17 -22.51 -14.41
C LEU B 239 4.63 -22.53 -14.82
N GLU B 240 5.30 -23.69 -14.75
CA GLU B 240 6.70 -23.66 -15.15
C GLU B 240 6.89 -23.28 -16.62
N GLU B 241 5.92 -23.61 -17.47
CA GLU B 241 6.19 -23.32 -18.88
C GLU B 241 5.93 -21.85 -19.24
N VAL B 242 4.94 -21.24 -18.61
CA VAL B 242 4.70 -19.80 -18.77
C VAL B 242 5.88 -19.02 -18.16
N LEU B 243 6.40 -19.50 -17.04
CA LEU B 243 7.57 -18.85 -16.44
C LEU B 243 8.75 -18.95 -17.41
N GLU B 244 8.97 -20.13 -18.01
CA GLU B 244 10.00 -20.29 -19.03
C GLU B 244 9.83 -19.31 -20.20
N GLU B 245 8.60 -19.18 -20.66
CA GLU B 245 8.25 -18.24 -21.72
C GLU B 245 8.62 -16.80 -21.35
N ILE B 246 8.24 -16.38 -20.14
CA ILE B 246 8.60 -15.06 -19.65
C ILE B 246 10.11 -14.88 -19.60
N LEU B 247 10.83 -15.88 -19.10
CA LEU B 247 12.28 -15.75 -19.00
C LEU B 247 12.96 -15.70 -20.35
N ASP B 248 12.33 -16.29 -21.36
CA ASP B 248 12.96 -16.43 -22.66
C ASP B 248 13.15 -15.08 -23.36
N GLN B 249 12.40 -14.07 -22.93
CA GLN B 249 12.47 -12.75 -23.53
C GLN B 249 13.78 -12.06 -23.22
N TYR B 250 14.60 -12.71 -22.39
CA TYR B 250 15.90 -12.17 -22.02
C TYR B 250 17.03 -12.68 -22.91
N ALA B 251 16.72 -13.56 -23.85
CA ALA B 251 17.73 -14.05 -24.80
C ALA B 251 18.03 -12.98 -25.85
NA NA C . -5.05 28.71 0.23
NA NA D . 7.72 -14.20 24.55
#